data_4AXX
#
_entry.id   4AXX
#
_cell.length_a   38.820
_cell.length_b   90.800
_cell.length_c   108.540
_cell.angle_alpha   90.00
_cell.angle_beta   90.00
_cell.angle_gamma   90.00
#
_symmetry.space_group_name_H-M   'P 21 21 21'
#
loop_
_entity.id
_entity.type
_entity.pdbx_description
1 polymer 'PHOSPHOGLYCERATE KINASE 1'
2 non-polymer 'MAGNESIUM ION'
3 non-polymer 'CHLORIDE ION'
4 non-polymer "ADENOSINE-5'-DIPHOSPHATE"
5 non-polymer '3-PHOSPHOGLYCERIC ACID'
6 non-polymer 'BERYLLIUM TRIFLUORIDE ION'
7 water water
#
_entity_poly.entity_id   1
_entity_poly.type   'polypeptide(L)'
_entity_poly.pdbx_seq_one_letter_code
;MSLSNKLTLDKLDVKGKRVVMRVDFNVPMKNNQITNNQRIKAAVPSIKFCLDNGAKSVVLMSHLGRPDGVPMPDKYSLEP
VAVELKSLLGKDVLFLKDCVGPEVEKACANPAAGSVILLENLRFHVEEEGKAKDASGNKVKAEPAKIEAFRASLSKLGDV
YVNDAFGTAHRAHSSMVGVNLPQKAGGFLMKKELNYFAKALESPERPFLAILGGAKVADKIQLINNMLDKVNEMIIGGGM
AFTFLKVLNNMEIGTSLFDEEGAKIVKDLMSKAEKNGVKITLPVDFVTADKFDENAKTGQATVASGIPAGWMGLDCGPES
SKKYAEAVTRAKQIVWNGPVGVFEWEAFARGTKALMDEVVKATSRGCITIIGGGDTATCCAKWNTEDKVSHVSTGGGASL
ELLEGKVLPGVDALSNI
;
_entity_poly.pdbx_strand_id   A
#
loop_
_chem_comp.id
_chem_comp.type
_chem_comp.name
_chem_comp.formula
3PG non-polymer '3-PHOSPHOGLYCERIC ACID' 'C3 H7 O7 P'
ADP non-polymer ADENOSINE-5'-DIPHOSPHATE 'C10 H15 N5 O10 P2'
BEF non-polymer 'BERYLLIUM TRIFLUORIDE ION' 'Be F3 -1'
CL non-polymer 'CHLORIDE ION' 'Cl -1'
MG non-polymer 'MAGNESIUM ION' 'Mg 2'
#
# COMPACT_ATOMS: atom_id res chain seq x y z
N LEU A 3 -15.44 -11.58 -4.44
CA LEU A 3 -15.53 -11.50 -5.93
C LEU A 3 -16.52 -12.52 -6.43
N SER A 4 -17.34 -13.04 -5.52
CA SER A 4 -18.31 -14.05 -5.85
C SER A 4 -19.23 -13.56 -6.97
N ASN A 5 -19.53 -12.26 -6.92
CA ASN A 5 -20.43 -11.57 -7.83
CA ASN A 5 -20.44 -11.69 -7.92
C ASN A 5 -19.71 -10.95 -9.02
N LYS A 6 -18.39 -11.14 -9.10
CA LYS A 6 -17.57 -10.45 -10.09
C LYS A 6 -16.86 -11.43 -11.02
N LEU A 7 -16.71 -11.02 -12.27
CA LEU A 7 -15.87 -11.73 -13.21
C LEU A 7 -14.42 -11.77 -12.69
N THR A 8 -13.85 -12.97 -12.73
CA THR A 8 -12.45 -13.13 -12.37
C THR A 8 -11.75 -13.88 -13.49
N LEU A 9 -10.45 -13.79 -13.46
CA LEU A 9 -9.57 -14.19 -14.58
C LEU A 9 -9.70 -15.66 -14.94
N ASP A 10 -9.99 -16.51 -13.96
CA ASP A 10 -10.24 -17.92 -14.20
C ASP A 10 -11.41 -18.17 -15.17
N LYS A 11 -12.31 -17.20 -15.32
CA LYS A 11 -13.46 -17.31 -16.24
C LYS A 11 -13.36 -16.32 -17.40
N LEU A 12 -12.21 -15.67 -17.56
CA LEU A 12 -12.02 -14.73 -18.68
C LEU A 12 -11.36 -15.45 -19.85
N ASP A 13 -12.03 -15.54 -20.99
CA ASP A 13 -11.41 -16.12 -22.19
C ASP A 13 -10.35 -15.14 -22.73
N VAL A 14 -9.07 -15.52 -22.66
CA VAL A 14 -7.99 -14.62 -23.09
C VAL A 14 -7.34 -15.04 -24.41
N LYS A 15 -7.79 -16.15 -24.97
CA LYS A 15 -7.19 -16.68 -26.20
C LYS A 15 -7.31 -15.69 -27.36
N GLY A 16 -6.15 -15.28 -27.88
CA GLY A 16 -6.09 -14.31 -28.99
C GLY A 16 -6.46 -12.89 -28.58
N LYS A 17 -6.67 -12.66 -27.29
CA LYS A 17 -7.04 -11.34 -26.79
C LYS A 17 -5.84 -10.58 -26.25
N ARG A 18 -5.79 -9.30 -26.56
CA ARG A 18 -4.89 -8.38 -25.90
C ARG A 18 -5.44 -8.10 -24.49
N VAL A 19 -4.64 -8.33 -23.44
CA VAL A 19 -5.06 -8.04 -22.08
C VAL A 19 -4.39 -6.79 -21.58
N VAL A 20 -5.18 -5.80 -21.15
CA VAL A 20 -4.62 -4.65 -20.47
C VAL A 20 -4.89 -4.90 -18.98
N MET A 21 -3.83 -4.83 -18.18
CA MET A 21 -3.88 -5.26 -16.79
C MET A 21 -3.31 -4.21 -15.86
N ARG A 22 -4.17 -3.68 -14.99
CA ARG A 22 -3.67 -2.85 -13.88
C ARG A 22 -3.06 -3.73 -12.80
N VAL A 23 -1.81 -3.42 -12.45
CA VAL A 23 -1.10 -4.08 -11.36
C VAL A 23 -0.62 -3.00 -10.38
N ASP A 24 -0.26 -3.41 -9.17
CA ASP A 24 0.41 -2.51 -8.24
C ASP A 24 1.87 -2.85 -8.25
N PHE A 25 2.61 -2.10 -9.05
CA PHE A 25 4.05 -2.20 -9.13
C PHE A 25 4.68 -0.96 -8.45
N ASN A 26 4.00 -0.40 -7.46
CA ASN A 26 4.52 0.73 -6.67
C ASN A 26 5.45 0.16 -5.62
N VAL A 27 6.64 -0.26 -6.08
CA VAL A 27 7.61 -0.99 -5.24
C VAL A 27 8.47 0.02 -4.50
N PRO A 28 8.96 -0.35 -3.30
CA PRO A 28 9.87 0.60 -2.66
C PRO A 28 11.23 0.65 -3.34
N MET A 29 11.86 1.81 -3.24
CA MET A 29 13.10 2.11 -3.92
C MET A 29 14.02 2.83 -2.95
N LYS A 30 15.33 2.63 -3.13
CA LYS A 30 16.36 3.25 -2.30
C LYS A 30 17.58 3.24 -3.19
N ASN A 31 18.31 4.35 -3.22
CA ASN A 31 19.45 4.47 -4.13
C ASN A 31 19.06 4.07 -5.57
N ASN A 32 17.80 4.33 -5.96
CA ASN A 32 17.30 4.06 -7.32
C ASN A 32 17.16 2.56 -7.67
N GLN A 33 17.32 1.71 -6.65
CA GLN A 33 17.23 0.27 -6.79
C GLN A 33 15.96 -0.17 -6.09
N ILE A 34 15.32 -1.23 -6.59
CA ILE A 34 14.16 -1.79 -5.96
C ILE A 34 14.60 -2.51 -4.70
N THR A 35 13.91 -2.25 -3.60
CA THR A 35 14.31 -2.86 -2.32
C THR A 35 13.44 -4.08 -1.96
N ASN A 36 12.34 -4.25 -2.66
CA ASN A 36 11.48 -5.39 -2.43
C ASN A 36 10.68 -5.63 -3.71
N ASN A 37 10.85 -6.80 -4.31
CA ASN A 37 10.07 -7.13 -5.49
C ASN A 37 8.76 -7.84 -5.18
N GLN A 38 8.38 -7.89 -3.90
CA GLN A 38 7.15 -8.59 -3.48
C GLN A 38 5.95 -8.28 -4.40
N ARG A 39 5.67 -7.01 -4.62
CA ARG A 39 4.49 -6.64 -5.42
C ARG A 39 4.57 -7.08 -6.88
N ILE A 40 5.78 -7.16 -7.43
CA ILE A 40 5.95 -7.59 -8.82
C ILE A 40 5.72 -9.10 -8.87
N LYS A 41 6.44 -9.82 -8.00
CA LYS A 41 6.29 -11.26 -7.88
C LYS A 41 4.79 -11.65 -7.76
N ALA A 42 4.08 -10.87 -6.95
CA ALA A 42 2.69 -11.17 -6.61
C ALA A 42 1.76 -11.16 -7.81
N ALA A 43 2.12 -10.39 -8.87
CA ALA A 43 1.29 -10.31 -10.10
C ALA A 43 1.64 -11.42 -11.11
N VAL A 44 2.73 -12.15 -10.88
CA VAL A 44 3.22 -13.08 -11.89
C VAL A 44 2.19 -14.21 -12.22
N PRO A 45 1.48 -14.75 -11.20
CA PRO A 45 0.49 -15.76 -11.54
C PRO A 45 -0.58 -15.33 -12.57
N SER A 46 -1.17 -14.14 -12.40
CA SER A 46 -2.13 -13.61 -13.39
C SER A 46 -1.49 -13.43 -14.77
N ILE A 47 -0.27 -12.91 -14.78
CA ILE A 47 0.43 -12.60 -16.04
C ILE A 47 0.75 -13.89 -16.78
N LYS A 48 1.34 -14.86 -16.06
CA LYS A 48 1.63 -16.17 -16.61
C LYS A 48 0.39 -16.88 -17.10
N PHE A 49 -0.68 -16.79 -16.32
CA PHE A 49 -1.95 -17.37 -16.73
C PHE A 49 -2.45 -16.82 -18.06
N CYS A 50 -2.37 -15.50 -18.26
CA CYS A 50 -2.80 -14.93 -19.54
C CYS A 50 -1.97 -15.49 -20.70
N LEU A 51 -0.65 -15.50 -20.51
CA LEU A 51 0.25 -15.95 -21.57
C LEU A 51 0.07 -17.43 -21.85
N ASP A 52 -0.08 -18.23 -20.79
CA ASP A 52 -0.28 -19.67 -20.90
C ASP A 52 -1.60 -20.03 -21.59
N ASN A 53 -2.60 -19.20 -21.43
CA ASN A 53 -3.89 -19.46 -22.06
C ASN A 53 -4.12 -18.67 -23.34
N GLY A 54 -3.03 -18.22 -23.95
CA GLY A 54 -3.09 -17.72 -25.32
C GLY A 54 -3.38 -16.26 -25.54
N ALA A 55 -3.14 -15.43 -24.53
CA ALA A 55 -3.23 -13.99 -24.72
C ALA A 55 -2.26 -13.55 -25.80
N LYS A 56 -2.73 -12.64 -26.65
CA LYS A 56 -1.91 -12.06 -27.71
C LYS A 56 -0.84 -11.20 -27.08
N SER A 57 -1.26 -10.43 -26.08
CA SER A 57 -0.38 -9.57 -25.32
C SER A 57 -0.84 -9.40 -23.89
N VAL A 58 0.07 -8.97 -23.00
CA VAL A 58 -0.31 -8.45 -21.69
C VAL A 58 0.30 -7.07 -21.55
N VAL A 59 -0.52 -6.04 -21.48
CA VAL A 59 -0.02 -4.68 -21.27
C VAL A 59 -0.19 -4.36 -19.81
N LEU A 60 0.90 -4.09 -19.12
CA LEU A 60 0.87 -3.85 -17.67
C LEU A 60 0.95 -2.37 -17.38
N MET A 61 0.12 -1.90 -16.44
CA MET A 61 0.14 -0.49 -16.12
C MET A 61 0.07 -0.29 -14.61
N SER A 62 0.83 0.68 -14.12
CA SER A 62 0.86 0.96 -12.67
C SER A 62 1.29 2.39 -12.44
N HIS A 63 1.13 2.85 -11.22
CA HIS A 63 1.80 4.05 -10.75
C HIS A 63 3.06 3.66 -10.02
N LEU A 64 3.88 4.65 -9.74
CA LEU A 64 5.01 4.51 -8.84
C LEU A 64 5.12 5.81 -8.07
N GLY A 65 4.98 5.71 -6.77
CA GLY A 65 5.13 6.83 -5.90
C GLY A 65 4.02 7.83 -6.14
N ARG A 66 4.34 9.08 -5.87
CA ARG A 66 3.38 10.15 -6.03
C ARG A 66 3.96 11.33 -6.77
N PRO A 67 4.17 11.20 -8.10
CA PRO A 67 4.71 12.29 -8.89
C PRO A 67 3.71 13.41 -9.18
N ASP A 68 2.47 13.23 -8.73
CA ASP A 68 1.47 14.30 -8.75
C ASP A 68 1.18 14.88 -10.16
N GLY A 69 1.10 14.01 -11.15
CA GLY A 69 0.57 14.39 -12.46
C GLY A 69 1.50 15.11 -13.40
N VAL A 70 2.80 15.02 -13.12
CA VAL A 70 3.82 15.61 -14.00
C VAL A 70 4.84 14.52 -14.29
N PRO A 71 5.39 14.49 -15.53
CA PRO A 71 6.39 13.47 -15.80
C PRO A 71 7.68 13.64 -15.02
N MET A 72 8.02 12.60 -14.26
CA MET A 72 9.21 12.62 -13.42
C MET A 72 10.04 11.37 -13.66
N PRO A 73 10.55 11.20 -14.91
CA PRO A 73 11.26 9.98 -15.28
C PRO A 73 12.57 9.79 -14.53
N ASP A 74 13.23 10.89 -14.18
CA ASP A 74 14.44 10.83 -13.36
C ASP A 74 14.17 10.22 -11.99
N LYS A 75 12.97 10.45 -11.45
CA LYS A 75 12.67 10.11 -10.06
C LYS A 75 11.78 8.88 -9.92
N TYR A 76 10.73 8.79 -10.74
CA TYR A 76 9.69 7.77 -10.54
C TYR A 76 9.38 6.94 -11.80
N SER A 77 10.41 6.60 -12.58
CA SER A 77 10.16 5.76 -13.75
C SER A 77 9.91 4.30 -13.35
N LEU A 78 9.05 3.61 -14.10
CA LEU A 78 8.84 2.17 -13.88
C LEU A 78 9.89 1.29 -14.61
N GLU A 79 10.86 1.90 -15.30
CA GLU A 79 11.78 1.10 -16.13
C GLU A 79 12.56 0.03 -15.35
N PRO A 80 13.04 0.34 -14.13
CA PRO A 80 13.69 -0.67 -13.28
C PRO A 80 12.79 -1.88 -12.95
N VAL A 81 11.49 -1.65 -12.91
CA VAL A 81 10.52 -2.73 -12.72
C VAL A 81 10.46 -3.66 -13.93
N ALA A 82 10.56 -3.09 -15.13
CA ALA A 82 10.57 -3.89 -16.36
C ALA A 82 11.68 -4.92 -16.34
N VAL A 83 12.87 -4.47 -15.93
CA VAL A 83 14.04 -5.33 -15.78
C VAL A 83 13.79 -6.48 -14.80
N GLU A 84 13.29 -6.11 -13.61
CA GLU A 84 13.01 -7.07 -12.55
C GLU A 84 11.90 -8.06 -12.96
N LEU A 85 10.89 -7.57 -13.64
CA LEU A 85 9.80 -8.45 -14.10
C LEU A 85 10.30 -9.52 -15.09
N LYS A 86 11.20 -9.12 -15.99
CA LYS A 86 11.83 -10.06 -16.97
C LYS A 86 12.32 -11.34 -16.30
N SER A 87 13.09 -11.17 -15.23
CA SER A 87 13.67 -12.33 -14.52
C SER A 87 12.64 -13.14 -13.75
N LEU A 88 11.64 -12.46 -13.19
CA LEU A 88 10.61 -13.15 -12.41
C LEU A 88 9.62 -13.93 -13.28
N LEU A 89 9.39 -13.41 -14.49
CA LEU A 89 8.47 -14.03 -15.46
C LEU A 89 9.08 -15.18 -16.22
N GLY A 90 10.35 -15.03 -16.60
CA GLY A 90 10.98 -15.92 -17.56
C GLY A 90 10.62 -15.56 -19.01
N LYS A 91 10.15 -14.34 -19.22
CA LYS A 91 9.84 -13.79 -20.55
C LYS A 91 10.32 -12.34 -20.58
N ASP A 92 10.74 -11.82 -21.74
CA ASP A 92 11.19 -10.43 -21.82
C ASP A 92 9.98 -9.49 -21.81
N VAL A 93 10.22 -8.23 -21.44
CA VAL A 93 9.13 -7.24 -21.39
C VAL A 93 9.58 -5.93 -22.00
N LEU A 94 8.75 -5.39 -22.87
CA LEU A 94 9.06 -4.16 -23.60
C LEU A 94 8.53 -3.01 -22.78
N PHE A 95 9.42 -2.08 -22.43
CA PHE A 95 9.04 -0.91 -21.67
C PHE A 95 8.79 0.29 -22.57
N LEU A 96 7.62 0.89 -22.41
CA LEU A 96 7.27 2.12 -23.11
C LEU A 96 7.43 3.35 -22.20
N LYS A 97 7.88 4.46 -22.80
CA LYS A 97 8.19 5.70 -22.06
C LYS A 97 6.98 6.59 -21.75
N ASP A 98 5.80 6.15 -22.17
CA ASP A 98 4.53 6.79 -21.79
C ASP A 98 3.50 5.68 -21.53
N CYS A 99 2.29 6.06 -21.13
CA CYS A 99 1.18 5.11 -20.97
C CYS A 99 -0.04 5.38 -21.88
N VAL A 100 0.05 6.44 -22.69
CA VAL A 100 -1.01 6.94 -23.59
C VAL A 100 -0.22 7.85 -24.59
N GLY A 101 -0.70 8.38 -25.72
CA GLY A 101 -1.65 7.83 -26.65
C GLY A 101 -0.90 7.43 -27.93
N PRO A 102 -0.73 8.37 -28.90
CA PRO A 102 -0.33 7.93 -30.26
C PRO A 102 0.71 6.78 -30.38
N GLU A 103 1.92 6.98 -29.85
CA GLU A 103 2.97 5.97 -29.95
C GLU A 103 2.69 4.73 -29.08
N VAL A 104 2.17 4.95 -27.88
CA VAL A 104 1.79 3.82 -27.01
C VAL A 104 0.71 2.98 -27.70
N GLU A 105 -0.30 3.65 -28.23
CA GLU A 105 -1.42 2.94 -28.86
C GLU A 105 -0.92 2.10 -30.02
N LYS A 106 -0.02 2.65 -30.84
CA LYS A 106 0.57 1.91 -31.96
C LYS A 106 1.37 0.68 -31.49
N ALA A 107 2.10 0.82 -30.38
CA ALA A 107 2.91 -0.27 -29.84
C ALA A 107 2.06 -1.43 -29.30
N CYS A 108 0.88 -1.09 -28.80
CA CYS A 108 -0.02 -2.07 -28.20
C CYS A 108 -1.11 -2.55 -29.16
N ALA A 109 -1.28 -1.86 -30.30
CA ALA A 109 -2.38 -2.10 -31.26
C ALA A 109 -2.47 -3.52 -31.81
N ASN A 110 -1.32 -4.08 -32.16
CA ASN A 110 -1.27 -5.37 -32.84
C ASN A 110 0.08 -6.07 -32.57
N PRO A 111 0.32 -6.44 -31.30
CA PRO A 111 1.63 -6.95 -30.89
C PRO A 111 1.88 -8.38 -31.34
N ALA A 112 3.15 -8.74 -31.44
CA ALA A 112 3.53 -10.12 -31.71
C ALA A 112 2.95 -10.98 -30.59
N ALA A 113 2.60 -12.21 -30.94
CA ALA A 113 1.97 -13.11 -29.99
C ALA A 113 2.85 -13.32 -28.75
N GLY A 114 2.25 -13.16 -27.57
CA GLY A 114 2.93 -13.41 -26.29
C GLY A 114 3.70 -12.21 -25.77
N SER A 115 3.53 -11.05 -26.41
CA SER A 115 4.21 -9.82 -26.01
C SER A 115 3.80 -9.37 -24.61
N VAL A 116 4.78 -9.09 -23.77
CA VAL A 116 4.52 -8.43 -22.49
C VAL A 116 5.05 -7.01 -22.56
N ILE A 117 4.19 -6.06 -22.21
CA ILE A 117 4.47 -4.64 -22.34
C ILE A 117 4.23 -3.94 -20.99
N LEU A 118 5.20 -3.16 -20.52
CA LEU A 118 5.02 -2.38 -19.28
C LEU A 118 5.00 -0.92 -19.65
N LEU A 119 3.90 -0.25 -19.32
CA LEU A 119 3.79 1.18 -19.60
C LEU A 119 4.49 2.01 -18.53
N GLU A 120 4.77 3.27 -18.84
CA GLU A 120 5.37 4.18 -17.87
C GLU A 120 4.33 4.56 -16.78
N ASN A 121 4.86 5.05 -15.66
CA ASN A 121 4.10 5.56 -14.52
C ASN A 121 2.83 6.34 -14.91
N LEU A 122 1.67 5.77 -14.58
CA LEU A 122 0.36 6.39 -14.90
C LEU A 122 0.21 7.78 -14.28
N ARG A 123 0.84 7.98 -13.12
CA ARG A 123 0.71 9.26 -12.41
C ARG A 123 1.60 10.39 -12.98
N PHE A 124 2.31 10.13 -14.06
CA PHE A 124 2.96 11.22 -14.81
C PHE A 124 1.93 12.05 -15.55
N HIS A 125 0.70 11.51 -15.64
CA HIS A 125 -0.46 12.25 -16.12
C HIS A 125 -1.44 12.59 -15.03
N VAL A 126 -1.86 13.85 -14.99
CA VAL A 126 -2.77 14.34 -13.96
C VAL A 126 -4.13 13.62 -14.04
N GLU A 127 -4.45 13.02 -15.19
CA GLU A 127 -5.73 12.38 -15.40
C GLU A 127 -5.91 11.05 -14.66
N GLU A 128 -4.80 10.43 -14.23
CA GLU A 128 -4.91 9.20 -13.47
C GLU A 128 -5.62 9.44 -12.13
N GLU A 129 -5.08 10.34 -11.29
CA GLU A 129 -5.67 10.66 -9.98
C GLU A 129 -7.02 11.46 -9.85
N GLY A 130 -7.54 12.25 -10.77
CA GLY A 130 -6.88 13.16 -11.62
C GLY A 130 -7.00 14.53 -10.93
N LYS A 131 -6.02 14.76 -10.07
CA LYS A 131 -5.73 16.03 -9.47
C LYS A 131 -4.26 15.88 -9.21
N ALA A 132 -3.57 16.98 -8.92
CA ALA A 132 -2.18 16.92 -8.47
C ALA A 132 -1.55 18.30 -8.36
N LYS A 141 -6.21 20.12 -10.63
CA LYS A 141 -7.20 20.72 -11.49
C LYS A 141 -7.75 19.82 -12.61
N ALA A 142 -7.44 18.52 -12.65
CA ALA A 142 -7.69 17.72 -13.89
C ALA A 142 -9.09 17.92 -14.52
N GLU A 143 -9.12 18.16 -15.83
CA GLU A 143 -10.34 18.52 -16.56
C GLU A 143 -11.11 17.29 -17.04
N PRO A 144 -12.45 17.29 -16.89
CA PRO A 144 -13.25 16.10 -17.19
C PRO A 144 -13.06 15.50 -18.58
N ALA A 145 -13.10 16.34 -19.62
CA ALA A 145 -12.89 15.91 -21.00
C ALA A 145 -11.56 15.19 -21.20
N LYS A 146 -10.52 15.64 -20.51
CA LYS A 146 -9.19 15.01 -20.61
C LYS A 146 -9.14 13.68 -19.86
N ILE A 147 -9.77 13.64 -18.68
CA ILE A 147 -9.89 12.41 -17.91
C ILE A 147 -10.56 11.35 -18.78
N GLU A 148 -11.61 11.75 -19.52
CA GLU A 148 -12.32 10.83 -20.40
C GLU A 148 -11.40 10.32 -21.50
N ALA A 149 -10.63 11.23 -22.09
CA ALA A 149 -9.68 10.89 -23.17
C ALA A 149 -8.57 9.99 -22.67
N PHE A 150 -8.09 10.23 -21.45
CA PHE A 150 -7.03 9.38 -20.84
C PHE A 150 -7.55 7.96 -20.71
N ARG A 151 -8.75 7.85 -20.14
CA ARG A 151 -9.41 6.55 -19.97
C ARG A 151 -9.68 5.83 -21.29
N ALA A 152 -10.10 6.60 -22.30
CA ALA A 152 -10.35 6.07 -23.64
C ALA A 152 -9.04 5.52 -24.23
N SER A 153 -7.93 6.24 -24.02
CA SER A 153 -6.62 5.79 -24.51
C SER A 153 -6.17 4.48 -23.85
N LEU A 154 -6.21 4.43 -22.52
CA LEU A 154 -5.88 3.18 -21.78
C LEU A 154 -6.75 2.00 -22.28
N SER A 155 -8.05 2.27 -22.55
CA SER A 155 -8.99 1.23 -23.00
C SER A 155 -8.61 0.61 -24.36
N LYS A 156 -7.94 1.40 -25.20
CA LYS A 156 -7.53 0.93 -26.52
C LYS A 156 -6.41 -0.10 -26.47
N LEU A 157 -5.68 -0.15 -25.34
CA LEU A 157 -4.46 -0.95 -25.26
C LEU A 157 -4.68 -2.46 -25.04
N GLY A 158 -5.91 -2.86 -24.72
CA GLY A 158 -6.26 -4.24 -24.61
C GLY A 158 -7.66 -4.45 -25.15
N ASP A 159 -8.00 -5.71 -25.40
CA ASP A 159 -9.35 -6.14 -25.78
C ASP A 159 -10.18 -6.48 -24.56
N VAL A 160 -9.50 -6.93 -23.50
CA VAL A 160 -10.13 -7.27 -22.23
C VAL A 160 -9.26 -6.70 -21.10
N TYR A 161 -9.85 -6.49 -19.92
CA TYR A 161 -9.18 -5.81 -18.80
C TYR A 161 -9.10 -6.70 -17.59
N VAL A 162 -7.95 -6.66 -16.93
CA VAL A 162 -7.76 -7.36 -15.69
C VAL A 162 -7.21 -6.39 -14.67
N ASN A 163 -7.80 -6.42 -13.49
CA ASN A 163 -7.26 -5.65 -12.37
C ASN A 163 -6.72 -6.60 -11.34
N ASP A 164 -5.40 -6.62 -11.22
CA ASP A 164 -4.74 -7.38 -10.19
C ASP A 164 -4.04 -6.49 -9.16
N ALA A 165 -4.40 -5.21 -9.15
CA ALA A 165 -3.70 -4.23 -8.33
C ALA A 165 -4.33 -4.12 -6.95
N PHE A 166 -4.19 -5.18 -6.16
CA PHE A 166 -4.78 -5.15 -4.83
C PHE A 166 -4.29 -3.95 -4.01
N GLY A 167 -2.99 -3.68 -4.11
CA GLY A 167 -2.39 -2.59 -3.39
C GLY A 167 -2.97 -1.25 -3.61
N THR A 168 -3.61 -1.05 -4.77
CA THR A 168 -4.15 0.20 -5.20
C THR A 168 -5.67 0.18 -5.20
N ALA A 169 -6.28 -0.95 -4.78
CA ALA A 169 -7.71 -1.16 -5.02
C ALA A 169 -8.60 -0.17 -4.30
N HIS A 170 -8.03 0.53 -3.31
CA HIS A 170 -8.76 1.60 -2.59
C HIS A 170 -8.81 2.90 -3.33
N ARG A 171 -8.07 2.97 -4.44
CA ARG A 171 -8.03 4.18 -5.24
C ARG A 171 -8.94 4.14 -6.47
N ALA A 172 -9.90 5.08 -6.50
CA ALA A 172 -10.82 5.22 -7.61
C ALA A 172 -10.19 6.09 -8.71
N HIS A 173 -9.04 5.63 -9.19
CA HIS A 173 -8.27 6.34 -10.21
C HIS A 173 -8.61 5.78 -11.58
N SER A 174 -8.19 6.51 -12.60
CA SER A 174 -8.58 6.22 -13.97
C SER A 174 -8.30 4.79 -14.41
N SER A 175 -7.09 4.32 -14.18
CA SER A 175 -6.66 3.00 -14.55
C SER A 175 -7.37 1.91 -13.77
N MET A 176 -7.94 2.25 -12.61
CA MET A 176 -8.55 1.31 -11.67
C MET A 176 -10.06 1.18 -11.82
N VAL A 177 -10.73 2.28 -12.20
CA VAL A 177 -12.19 2.27 -12.31
C VAL A 177 -12.71 2.76 -13.66
N GLY A 178 -11.83 3.23 -14.54
CA GLY A 178 -12.25 3.99 -15.72
C GLY A 178 -12.03 3.31 -17.05
N VAL A 179 -11.55 2.07 -17.04
CA VAL A 179 -11.30 1.39 -18.31
C VAL A 179 -12.61 0.87 -18.85
N ASN A 180 -12.89 1.23 -20.10
CA ASN A 180 -14.14 0.92 -20.76
C ASN A 180 -13.93 -0.17 -21.78
N LEU A 181 -13.98 -1.40 -21.29
CA LEU A 181 -13.98 -2.60 -22.11
C LEU A 181 -15.10 -3.52 -21.60
N PRO A 182 -15.67 -4.35 -22.49
CA PRO A 182 -16.78 -5.21 -22.07
C PRO A 182 -16.50 -6.15 -20.88
N GLN A 183 -15.30 -6.70 -20.80
CA GLN A 183 -14.95 -7.65 -19.77
C GLN A 183 -13.84 -7.08 -18.91
N LYS A 184 -14.17 -6.89 -17.64
CA LYS A 184 -13.27 -6.34 -16.62
C LYS A 184 -13.22 -7.34 -15.46
N ALA A 185 -12.10 -8.07 -15.37
CA ALA A 185 -11.95 -9.23 -14.49
C ALA A 185 -10.94 -8.97 -13.38
N GLY A 186 -11.25 -9.46 -12.19
CA GLY A 186 -10.34 -9.46 -11.08
C GLY A 186 -9.29 -10.50 -11.31
N GLY A 187 -8.05 -10.16 -11.00
CA GLY A 187 -6.98 -11.12 -11.15
C GLY A 187 -6.82 -12.03 -9.92
N PHE A 188 -5.84 -12.92 -9.98
CA PHE A 188 -5.67 -13.92 -8.93
C PHE A 188 -5.10 -13.36 -7.60
N LEU A 189 -4.31 -12.31 -7.68
CA LEU A 189 -3.80 -11.64 -6.47
C LEU A 189 -4.92 -10.86 -5.80
N MET A 190 -5.73 -10.19 -6.60
CA MET A 190 -6.91 -9.56 -6.06
C MET A 190 -7.78 -10.58 -5.33
N LYS A 191 -8.05 -11.69 -5.97
CA LYS A 191 -8.82 -12.76 -5.35
C LYS A 191 -8.19 -13.32 -4.07
N LYS A 192 -6.89 -13.62 -4.12
CA LYS A 192 -6.13 -14.18 -2.98
C LYS A 192 -6.24 -13.28 -1.77
N GLU A 193 -5.95 -12.01 -1.97
CA GLU A 193 -5.98 -11.02 -0.90
C GLU A 193 -7.39 -10.83 -0.33
N LEU A 194 -8.38 -10.63 -1.19
CA LEU A 194 -9.76 -10.43 -0.74
C LEU A 194 -10.27 -11.64 0.03
N ASN A 195 -9.91 -12.83 -0.44
CA ASN A 195 -10.33 -14.07 0.23
C ASN A 195 -9.71 -14.22 1.59
N TYR A 196 -8.43 -13.89 1.71
CA TYR A 196 -7.74 -13.99 2.99
C TYR A 196 -8.39 -13.05 3.98
N PHE A 197 -8.61 -11.80 3.58
CA PHE A 197 -9.19 -10.85 4.50
C PHE A 197 -10.63 -11.19 4.88
N ALA A 198 -11.39 -11.73 3.92
CA ALA A 198 -12.81 -12.04 4.16
C ALA A 198 -12.86 -13.03 5.28
N LYS A 199 -12.01 -14.03 5.22
CA LYS A 199 -11.90 -15.04 6.24
C LYS A 199 -11.43 -14.49 7.57
N ALA A 200 -10.35 -13.71 7.56
CA ALA A 200 -9.74 -13.21 8.78
C ALA A 200 -10.56 -12.11 9.48
N LEU A 201 -11.34 -11.34 8.72
CA LEU A 201 -12.14 -10.24 9.28
C LEU A 201 -13.57 -10.64 9.64
N GLU A 202 -13.99 -11.83 9.23
CA GLU A 202 -15.35 -12.29 9.53
C GLU A 202 -15.68 -12.35 11.02
N SER A 203 -14.83 -13.01 11.79
CA SER A 203 -15.03 -13.08 13.23
C SER A 203 -13.64 -13.07 13.86
N PRO A 204 -13.06 -11.88 13.94
CA PRO A 204 -11.65 -11.85 14.34
C PRO A 204 -11.43 -12.41 15.74
N GLU A 205 -10.24 -12.94 15.99
CA GLU A 205 -9.85 -13.33 17.32
C GLU A 205 -9.66 -12.07 18.14
N ARG A 206 -10.00 -12.15 19.41
CA ARG A 206 -9.99 -10.96 20.28
C ARG A 206 -9.20 -11.17 21.59
N PRO A 207 -8.49 -10.14 22.05
CA PRO A 207 -8.44 -8.78 21.48
C PRO A 207 -7.85 -8.68 20.08
N PHE A 208 -8.45 -7.84 19.25
CA PHE A 208 -8.01 -7.56 17.88
C PHE A 208 -7.30 -6.22 17.94
N LEU A 209 -5.98 -6.25 17.70
CA LEU A 209 -5.13 -5.07 17.71
C LEU A 209 -4.85 -4.58 16.29
N ALA A 210 -5.07 -3.29 16.04
CA ALA A 210 -4.53 -2.65 14.86
C ALA A 210 -3.28 -1.85 15.23
N ILE A 211 -2.25 -1.95 14.40
CA ILE A 211 -1.03 -1.17 14.54
C ILE A 211 -0.91 -0.27 13.31
N LEU A 212 -1.00 1.04 13.53
CA LEU A 212 -1.00 2.03 12.46
C LEU A 212 0.20 2.89 12.62
N GLY A 213 1.14 2.79 11.68
CA GLY A 213 2.31 3.66 11.66
C GLY A 213 2.52 4.28 10.28
N GLY A 214 3.77 4.41 9.87
CA GLY A 214 4.11 4.87 8.55
C GLY A 214 4.04 6.38 8.35
N ALA A 215 3.91 6.81 7.10
CA ALA A 215 4.09 8.18 6.72
C ALA A 215 2.94 8.78 5.96
N LYS A 216 1.91 8.01 5.64
CA LYS A 216 0.81 8.57 4.84
C LYS A 216 -0.26 9.04 5.81
N VAL A 217 0.08 10.11 6.51
CA VAL A 217 -0.71 10.52 7.68
C VAL A 217 -2.05 11.10 7.22
N ALA A 218 -2.04 11.97 6.22
CA ALA A 218 -3.28 12.63 5.78
C ALA A 218 -4.34 11.60 5.41
N ASP A 219 -3.89 10.56 4.71
CA ASP A 219 -4.77 9.50 4.22
C ASP A 219 -5.19 8.61 5.39
N LYS A 220 -4.21 8.13 6.13
CA LYS A 220 -4.50 7.06 7.10
C LYS A 220 -5.15 7.49 8.41
N ILE A 221 -4.96 8.74 8.78
CA ILE A 221 -5.70 9.29 9.93
C ILE A 221 -7.23 9.28 9.68
N GLN A 222 -7.64 9.35 8.42
CA GLN A 222 -9.06 9.38 8.05
C GLN A 222 -9.74 8.00 8.10
N LEU A 223 -8.94 6.96 8.26
CA LEU A 223 -9.41 5.57 8.31
C LEU A 223 -9.68 5.15 9.76
N ILE A 224 -9.21 5.94 10.73
CA ILE A 224 -9.24 5.51 12.13
C ILE A 224 -10.66 5.43 12.65
N ASN A 225 -11.48 6.42 12.29
CA ASN A 225 -12.86 6.51 12.75
C ASN A 225 -13.62 5.19 12.56
N ASN A 226 -13.61 4.65 11.35
CA ASN A 226 -14.38 3.41 11.11
C ASN A 226 -13.68 2.17 11.71
N MET A 227 -12.34 2.18 11.71
CA MET A 227 -11.53 1.12 12.35
C MET A 227 -11.85 0.96 13.84
N LEU A 228 -12.22 2.07 14.50
CA LEU A 228 -12.55 2.01 15.92
C LEU A 228 -13.81 1.23 16.25
N ASP A 229 -14.61 0.93 15.24
CA ASP A 229 -15.76 0.07 15.44
C ASP A 229 -15.42 -1.40 15.28
N LYS A 230 -14.18 -1.71 14.90
CA LYS A 230 -13.83 -3.08 14.56
C LYS A 230 -12.79 -3.70 15.48
N VAL A 231 -11.94 -2.88 16.07
CA VAL A 231 -10.80 -3.37 16.82
C VAL A 231 -11.01 -3.14 18.30
N ASN A 232 -10.20 -3.82 19.12
CA ASN A 232 -10.23 -3.64 20.56
C ASN A 232 -9.05 -2.84 21.10
N GLU A 233 -8.00 -2.72 20.30
CA GLU A 233 -6.86 -1.89 20.65
C GLU A 233 -6.26 -1.34 19.38
N MET A 234 -5.58 -0.21 19.51
CA MET A 234 -4.89 0.40 18.41
C MET A 234 -3.61 1.01 18.91
N ILE A 235 -2.50 0.61 18.29
CA ILE A 235 -1.25 1.35 18.42
C ILE A 235 -1.25 2.39 17.32
N ILE A 236 -0.93 3.62 17.69
CA ILE A 236 -0.76 4.69 16.73
C ILE A 236 0.69 5.15 16.82
N GLY A 237 1.51 4.76 15.85
CA GLY A 237 2.92 4.96 15.90
C GLY A 237 3.46 5.53 14.61
N GLY A 238 4.76 5.37 14.43
CA GLY A 238 5.41 5.96 13.31
C GLY A 238 5.09 7.42 13.15
N GLY A 239 4.97 7.83 11.91
CA GLY A 239 4.72 9.21 11.57
C GLY A 239 3.34 9.71 12.00
N MET A 240 2.42 8.78 12.24
CA MET A 240 1.04 9.10 12.61
C MET A 240 0.94 9.71 14.01
N ALA A 241 1.84 9.31 14.91
CA ALA A 241 1.69 9.63 16.33
C ALA A 241 1.78 11.13 16.59
N PHE A 242 2.60 11.84 15.81
CA PHE A 242 2.91 13.23 16.15
C PHE A 242 1.72 14.18 16.12
N THR A 243 0.81 13.95 15.19
CA THR A 243 -0.43 14.73 15.14
C THR A 243 -1.25 14.55 16.43
N PHE A 244 -1.34 13.31 16.91
CA PHE A 244 -2.06 13.00 18.15
C PHE A 244 -1.38 13.62 19.35
N LEU A 245 -0.06 13.48 19.42
CA LEU A 245 0.70 13.97 20.55
C LEU A 245 0.66 15.48 20.68
N LYS A 246 0.79 16.19 19.56
CA LYS A 246 0.72 17.65 19.55
C LYS A 246 -0.64 18.12 20.04
N VAL A 247 -1.72 17.48 19.60
CA VAL A 247 -3.09 17.86 20.00
C VAL A 247 -3.38 17.46 21.46
N LEU A 248 -3.12 16.22 21.81
CA LEU A 248 -3.53 15.68 23.13
C LEU A 248 -2.62 16.14 24.25
N ASN A 249 -1.31 16.18 23.98
CA ASN A 249 -0.33 16.49 25.01
C ASN A 249 0.31 17.85 24.88
N ASN A 250 -0.03 18.59 23.83
CA ASN A 250 0.63 19.87 23.60
C ASN A 250 2.14 19.71 23.47
N MET A 251 2.53 18.54 22.94
CA MET A 251 3.93 18.19 22.76
C MET A 251 4.53 18.99 21.63
N GLU A 252 5.73 19.54 21.86
CA GLU A 252 6.56 20.03 20.77
C GLU A 252 7.07 18.91 19.90
N ILE A 253 6.83 18.98 18.60
CA ILE A 253 7.15 17.88 17.68
C ILE A 253 8.16 18.25 16.61
N GLY A 254 8.66 19.48 16.67
CA GLY A 254 9.66 19.99 15.71
C GLY A 254 9.16 19.85 14.29
N THR A 255 9.99 19.25 13.44
CA THR A 255 9.67 19.09 12.03
C THR A 255 9.10 17.71 11.73
N SER A 256 8.65 17.00 12.77
CA SER A 256 8.06 15.68 12.56
C SER A 256 6.80 15.78 11.70
N LEU A 257 6.43 14.68 11.08
CA LEU A 257 5.21 14.63 10.26
C LEU A 257 4.02 15.10 11.07
N PHE A 258 3.25 15.98 10.46
CA PHE A 258 2.08 16.55 11.07
C PHE A 258 0.99 16.79 10.02
N ASP A 259 -0.24 16.38 10.34
CA ASP A 259 -1.36 16.57 9.45
C ASP A 259 -2.34 17.58 10.05
N GLU A 260 -2.41 18.75 9.43
CA GLU A 260 -3.27 19.82 9.90
C GLU A 260 -4.75 19.43 9.93
N GLU A 261 -5.23 18.79 8.88
CA GLU A 261 -6.63 18.38 8.79
C GLU A 261 -6.97 17.33 9.85
N GLY A 262 -6.16 16.28 9.93
CA GLY A 262 -6.33 15.23 10.91
C GLY A 262 -6.24 15.70 12.34
N ALA A 263 -5.44 16.73 12.61
CA ALA A 263 -5.33 17.29 13.96
C ALA A 263 -6.71 17.71 14.45
N LYS A 264 -7.56 18.17 13.54
CA LYS A 264 -8.88 18.65 13.87
C LYS A 264 -9.88 17.59 14.35
N ILE A 265 -9.62 16.32 14.08
CA ILE A 265 -10.47 15.22 14.54
C ILE A 265 -9.81 14.34 15.61
N VAL A 266 -8.59 14.64 16.04
CA VAL A 266 -7.93 13.80 17.04
C VAL A 266 -8.76 13.60 18.33
N LYS A 267 -9.30 14.67 18.89
CA LYS A 267 -10.06 14.55 20.16
C LYS A 267 -11.38 13.76 19.96
N ASP A 268 -11.99 13.90 18.80
CA ASP A 268 -13.18 13.13 18.49
C ASP A 268 -12.83 11.64 18.36
N LEU A 269 -11.69 11.34 17.75
CA LEU A 269 -11.24 9.93 17.61
C LEU A 269 -10.96 9.34 18.99
N MET A 270 -10.28 10.08 19.86
CA MET A 270 -9.99 9.60 21.22
C MET A 270 -11.28 9.37 22.00
N SER A 271 -12.25 10.26 21.81
CA SER A 271 -13.55 10.15 22.48
C SER A 271 -14.27 8.91 22.04
N LYS A 272 -14.20 8.64 20.74
CA LYS A 272 -14.82 7.45 20.16
C LYS A 272 -14.13 6.18 20.64
N ALA A 273 -12.80 6.20 20.71
CA ALA A 273 -12.08 5.06 21.24
C ALA A 273 -12.50 4.77 22.66
N GLU A 274 -12.68 5.81 23.47
CA GLU A 274 -13.12 5.64 24.85
C GLU A 274 -14.53 5.05 24.91
N LYS A 275 -15.43 5.60 24.10
CA LYS A 275 -16.81 5.12 23.98
C LYS A 275 -16.86 3.65 23.61
N ASN A 276 -15.95 3.23 22.73
CA ASN A 276 -15.94 1.86 22.18
C ASN A 276 -15.00 0.88 22.92
N GLY A 277 -14.41 1.34 24.01
CA GLY A 277 -13.50 0.52 24.81
C GLY A 277 -12.28 0.05 24.04
N VAL A 278 -11.81 0.91 23.14
CA VAL A 278 -10.55 0.67 22.38
C VAL A 278 -9.38 1.35 23.07
N LYS A 279 -8.45 0.56 23.59
CA LYS A 279 -7.24 1.09 24.23
C LYS A 279 -6.29 1.61 23.16
N ILE A 280 -5.87 2.86 23.32
CA ILE A 280 -5.02 3.53 22.36
C ILE A 280 -3.62 3.57 22.97
N THR A 281 -2.65 2.97 22.29
CA THR A 281 -1.24 3.06 22.69
C THR A 281 -0.47 3.99 21.73
N LEU A 282 -0.10 5.15 22.26
CA LEU A 282 0.76 6.11 21.57
C LEU A 282 2.19 5.98 22.15
N PRO A 283 3.21 6.34 21.35
CA PRO A 283 4.58 6.31 21.90
C PRO A 283 4.77 7.37 22.98
N VAL A 284 5.79 7.17 23.81
CA VAL A 284 6.12 8.05 24.93
C VAL A 284 7.58 8.53 24.84
N ASP A 285 8.27 8.10 23.79
CA ASP A 285 9.68 8.40 23.62
C ASP A 285 10.10 8.15 22.17
N PHE A 286 11.19 8.77 21.77
CA PHE A 286 11.59 8.91 20.36
C PHE A 286 13.09 8.93 20.14
N VAL A 287 13.48 8.45 18.96
CA VAL A 287 14.82 8.74 18.40
C VAL A 287 14.62 9.88 17.41
N THR A 288 15.30 10.98 17.64
CA THR A 288 15.16 12.18 16.84
C THR A 288 16.31 12.37 15.85
N ALA A 289 16.09 13.20 14.83
CA ALA A 289 17.09 13.48 13.80
C ALA A 289 17.07 14.96 13.46
N ASP A 290 18.23 15.51 13.08
CA ASP A 290 18.34 16.93 12.77
C ASP A 290 17.95 17.29 11.33
N LYS A 291 17.68 16.26 10.52
CA LYS A 291 17.17 16.43 9.17
C LYS A 291 16.69 15.07 8.66
N PHE A 292 15.93 15.08 7.56
CA PHE A 292 15.42 13.85 6.99
C PHE A 292 16.51 13.21 6.12
N ASP A 293 17.47 12.58 6.80
CA ASP A 293 18.62 11.99 6.13
C ASP A 293 19.12 10.76 6.89
N GLU A 294 19.56 9.78 6.12
CA GLU A 294 20.13 8.55 6.65
C GLU A 294 21.22 8.88 7.67
N ASN A 295 22.00 9.92 7.39
CA ASN A 295 23.16 10.27 8.22
C ASN A 295 22.95 11.46 9.11
N ALA A 296 21.69 11.80 9.37
CA ALA A 296 21.36 12.88 10.30
C ALA A 296 22.05 12.66 11.64
N LYS A 297 22.36 13.75 12.34
CA LYS A 297 22.71 13.64 13.76
C LYS A 297 21.47 13.20 14.50
N THR A 298 21.63 12.39 15.53
CA THR A 298 20.48 11.85 16.23
C THR A 298 20.46 12.22 17.70
N GLY A 299 19.28 12.04 18.28
CA GLY A 299 19.04 12.40 19.68
C GLY A 299 17.96 11.54 20.28
N GLN A 300 17.55 11.90 21.49
CA GLN A 300 16.47 11.22 22.20
C GLN A 300 15.51 12.28 22.73
N ALA A 301 14.22 11.93 22.74
CA ALA A 301 13.18 12.76 23.33
C ALA A 301 12.12 11.89 23.94
N THR A 302 11.40 12.47 24.88
CA THR A 302 10.25 11.87 25.47
C THR A 302 9.07 12.82 25.17
N VAL A 303 7.85 12.38 25.46
CA VAL A 303 6.68 13.27 25.31
C VAL A 303 6.83 14.47 26.24
N ALA A 304 7.26 14.23 27.48
CA ALA A 304 7.52 15.32 28.44
C ALA A 304 8.57 16.34 27.97
N SER A 305 9.68 15.86 27.40
CA SER A 305 10.76 16.76 26.99
C SER A 305 10.40 17.54 25.72
N GLY A 306 9.53 16.96 24.90
CA GLY A 306 9.27 17.48 23.57
C GLY A 306 10.47 17.22 22.67
N ILE A 307 10.25 17.41 21.37
CA ILE A 307 11.30 17.34 20.35
C ILE A 307 11.79 18.73 20.01
N PRO A 308 13.11 18.96 20.04
CA PRO A 308 13.60 20.33 19.80
C PRO A 308 13.26 20.91 18.44
N ALA A 309 13.09 22.23 18.39
CA ALA A 309 12.93 22.99 17.13
C ALA A 309 13.89 22.50 16.05
N GLY A 310 13.36 22.19 14.87
CA GLY A 310 14.18 21.79 13.73
C GLY A 310 14.58 20.33 13.70
N TRP A 311 14.19 19.55 14.71
CA TRP A 311 14.44 18.10 14.75
C TRP A 311 13.15 17.36 14.58
N MET A 312 13.23 16.13 14.07
CA MET A 312 12.05 15.30 13.82
C MET A 312 12.21 13.95 14.52
N GLY A 313 11.10 13.39 14.98
CA GLY A 313 11.11 12.04 15.52
C GLY A 313 10.99 11.03 14.40
N LEU A 314 12.02 10.20 14.25
CA LEU A 314 12.05 9.20 13.18
C LEU A 314 12.00 7.76 13.66
N ASP A 315 12.01 7.55 14.97
CA ASP A 315 11.71 6.23 15.54
C ASP A 315 11.11 6.45 16.92
N CYS A 316 10.45 5.44 17.44
CA CYS A 316 10.04 5.47 18.84
C CYS A 316 11.26 5.07 19.65
N GLY A 317 11.17 5.21 20.97
CA GLY A 317 12.23 4.83 21.88
C GLY A 317 11.89 3.57 22.63
N PRO A 318 12.71 3.21 23.64
CA PRO A 318 12.54 1.91 24.31
C PRO A 318 11.28 1.80 25.16
N GLU A 319 10.89 2.89 25.80
CA GLU A 319 9.67 2.89 26.60
C GLU A 319 8.41 2.69 25.74
N SER A 320 8.40 3.26 24.52
CA SER A 320 7.35 3.02 23.56
C SER A 320 7.34 1.58 23.13
N SER A 321 8.53 1.03 22.84
CA SER A 321 8.60 -0.35 22.36
C SER A 321 8.01 -1.29 23.41
N LYS A 322 8.24 -0.98 24.69
CA LYS A 322 7.72 -1.82 25.77
C LYS A 322 6.17 -1.78 25.80
N LYS A 323 5.61 -0.60 25.66
CA LYS A 323 4.16 -0.44 25.56
C LYS A 323 3.56 -1.12 24.33
N TYR A 324 4.25 -1.00 23.20
CA TYR A 324 3.83 -1.71 22.00
C TYR A 324 3.83 -3.23 22.27
N ALA A 325 4.92 -3.71 22.87
CA ALA A 325 5.07 -5.13 23.20
C ALA A 325 3.90 -5.60 24.06
N GLU A 326 3.48 -4.74 24.99
CA GLU A 326 2.41 -5.06 25.93
C GLU A 326 1.10 -5.31 25.21
N ALA A 327 0.79 -4.43 24.26
CA ALA A 327 -0.38 -4.55 23.38
C ALA A 327 -0.32 -5.82 22.54
N VAL A 328 0.83 -6.10 21.94
CA VAL A 328 1.00 -7.32 21.16
C VAL A 328 0.77 -8.57 22.02
N THR A 329 1.22 -8.54 23.26
CA THR A 329 1.13 -9.70 24.14
C THR A 329 -0.33 -10.02 24.48
N ARG A 330 -1.15 -8.98 24.57
CA ARG A 330 -2.60 -9.10 24.75
C ARG A 330 -3.39 -9.53 23.51
N ALA A 331 -2.84 -9.31 22.30
CA ALA A 331 -3.58 -9.58 21.06
C ALA A 331 -3.70 -11.04 20.76
N LYS A 332 -4.88 -11.42 20.28
CA LYS A 332 -5.11 -12.71 19.63
C LYS A 332 -5.20 -12.57 18.11
N GLN A 333 -5.31 -11.33 17.63
CA GLN A 333 -5.25 -11.02 16.19
C GLN A 333 -4.66 -9.62 16.02
N ILE A 334 -3.84 -9.44 14.98
CA ILE A 334 -3.16 -8.16 14.72
C ILE A 334 -3.21 -7.90 13.21
N VAL A 335 -3.59 -6.68 12.85
CA VAL A 335 -3.34 -6.11 11.52
C VAL A 335 -2.40 -4.96 11.70
N TRP A 336 -1.24 -5.02 11.03
CA TRP A 336 -0.22 -4.00 11.13
C TRP A 336 0.04 -3.38 9.78
N ASN A 337 -0.22 -2.10 9.67
CA ASN A 337 0.18 -1.32 8.50
C ASN A 337 0.96 -0.06 8.92
N GLY A 338 2.25 -0.03 8.56
CA GLY A 338 3.05 1.16 8.74
C GLY A 338 4.15 0.99 9.77
N PRO A 339 5.41 1.04 9.32
CA PRO A 339 6.51 0.91 10.27
C PRO A 339 6.43 1.98 11.37
N VAL A 340 6.98 1.67 12.53
CA VAL A 340 6.90 2.61 13.65
C VAL A 340 8.10 3.56 13.70
N GLY A 341 8.94 3.52 12.65
CA GLY A 341 10.05 4.43 12.48
C GLY A 341 10.54 4.28 11.05
N VAL A 342 11.55 5.07 10.69
CA VAL A 342 12.13 5.05 9.34
C VAL A 342 13.11 3.89 9.27
N PHE A 343 12.53 2.69 9.15
CA PHE A 343 13.25 1.41 9.28
C PHE A 343 14.26 1.16 8.18
N GLU A 344 14.11 1.89 7.07
CA GLU A 344 15.05 1.85 5.96
C GLU A 344 16.43 2.36 6.31
N TRP A 345 16.49 3.19 7.35
CA TRP A 345 17.74 3.78 7.81
C TRP A 345 18.09 3.19 9.14
N GLU A 346 19.28 2.62 9.28
CA GLU A 346 19.57 1.83 10.48
C GLU A 346 19.43 2.59 11.77
N ALA A 347 19.73 3.88 11.74
CA ALA A 347 19.65 4.72 12.91
C ALA A 347 18.24 4.79 13.47
N PHE A 348 17.25 4.43 12.66
CA PHE A 348 15.83 4.64 13.01
C PHE A 348 15.02 3.37 12.81
N ALA A 349 15.71 2.22 12.83
CA ALA A 349 15.09 0.91 12.58
C ALA A 349 14.78 0.10 13.84
N ARG A 350 15.33 0.46 15.00
CA ARG A 350 15.19 -0.37 16.21
C ARG A 350 13.75 -0.61 16.67
N GLY A 351 12.93 0.44 16.69
CA GLY A 351 11.52 0.33 17.12
C GLY A 351 10.76 -0.65 16.27
N THR A 352 10.94 -0.56 14.95
CA THR A 352 10.26 -1.46 14.02
C THR A 352 10.78 -2.89 14.17
N LYS A 353 12.09 -3.04 14.32
CA LYS A 353 12.64 -4.39 14.52
C LYS A 353 12.10 -5.05 15.80
N ALA A 354 12.04 -4.27 16.85
CA ALA A 354 11.61 -4.75 18.16
C ALA A 354 10.14 -5.13 18.06
N LEU A 355 9.36 -4.33 17.37
CA LEU A 355 7.94 -4.66 17.22
C LEU A 355 7.77 -5.90 16.36
N MET A 356 8.58 -6.01 15.30
CA MET A 356 8.56 -7.20 14.45
C MET A 356 8.88 -8.43 15.28
N ASP A 357 9.94 -8.35 16.09
CA ASP A 357 10.32 -9.46 17.01
C ASP A 357 9.11 -9.93 17.83
N GLU A 358 8.37 -8.97 18.39
CA GLU A 358 7.18 -9.24 19.21
C GLU A 358 6.05 -9.87 18.41
N VAL A 359 5.81 -9.34 17.21
CA VAL A 359 4.76 -9.90 16.33
C VAL A 359 5.06 -11.33 15.88
N VAL A 360 6.33 -11.61 15.63
CA VAL A 360 6.78 -12.98 15.36
C VAL A 360 6.57 -13.86 16.60
N LYS A 361 6.94 -13.35 17.77
CA LYS A 361 6.75 -14.14 19.03
C LYS A 361 5.26 -14.42 19.24
N ALA A 362 4.43 -13.42 18.96
CA ALA A 362 2.99 -13.60 19.04
C ALA A 362 2.46 -14.67 18.08
N THR A 363 2.93 -14.67 16.83
CA THR A 363 2.49 -15.68 15.89
C THR A 363 2.79 -17.07 16.45
N SER A 364 3.96 -17.21 17.07
CA SER A 364 4.43 -18.50 17.53
C SER A 364 3.58 -19.10 18.66
N ARG A 365 2.90 -18.27 19.43
CA ARG A 365 1.97 -18.77 20.45
C ARG A 365 0.48 -18.70 20.04
N GLY A 366 0.20 -18.55 18.75
CA GLY A 366 -1.16 -18.66 18.22
C GLY A 366 -1.84 -17.36 17.78
N CYS A 367 -1.17 -16.22 17.89
CA CYS A 367 -1.73 -14.97 17.37
C CYS A 367 -1.86 -14.99 15.85
N ILE A 368 -2.99 -14.52 15.34
CA ILE A 368 -3.16 -14.35 13.89
C ILE A 368 -2.61 -12.95 13.58
N THR A 369 -1.50 -12.93 12.84
CA THR A 369 -0.72 -11.71 12.57
C THR A 369 -0.68 -11.41 11.07
N ILE A 370 -1.22 -10.24 10.72
CA ILE A 370 -1.35 -9.80 9.35
C ILE A 370 -0.55 -8.52 9.20
N ILE A 371 0.45 -8.57 8.32
CA ILE A 371 1.25 -7.41 8.03
C ILE A 371 1.01 -6.98 6.59
N GLY A 372 0.65 -5.72 6.38
CA GLY A 372 0.39 -5.25 5.02
C GLY A 372 1.02 -3.95 4.63
N GLY A 373 1.44 -3.83 3.38
CA GLY A 373 1.85 -2.52 2.81
C GLY A 373 3.11 -2.67 1.99
N GLY A 374 3.32 -1.76 1.03
CA GLY A 374 4.52 -1.83 0.21
C GLY A 374 5.76 -1.69 1.07
N ASP A 375 5.71 -0.75 2.01
CA ASP A 375 6.86 -0.53 2.91
C ASP A 375 6.85 -1.49 4.09
N THR A 376 5.69 -1.73 4.70
CA THR A 376 5.67 -2.57 5.90
C THR A 376 6.04 -4.03 5.57
N ALA A 377 5.58 -4.55 4.42
CA ALA A 377 6.00 -5.86 3.97
C ALA A 377 7.49 -5.97 3.75
N THR A 378 8.12 -4.85 3.40
CA THR A 378 9.56 -4.77 3.25
C THR A 378 10.30 -4.93 4.59
N CYS A 379 9.66 -4.57 5.71
CA CYS A 379 10.20 -4.96 7.02
C CYS A 379 10.31 -6.46 7.12
N CYS A 380 9.28 -7.16 6.67
CA CYS A 380 9.32 -8.61 6.70
C CYS A 380 10.45 -9.14 5.86
N ALA A 381 10.63 -8.56 4.68
CA ALA A 381 11.72 -8.99 3.80
C ALA A 381 13.13 -8.72 4.39
N LYS A 382 13.28 -7.55 5.01
CA LYS A 382 14.53 -7.11 5.63
C LYS A 382 14.99 -7.99 6.78
N TRP A 383 14.04 -8.40 7.63
CA TRP A 383 14.34 -9.19 8.81
C TRP A 383 13.98 -10.65 8.68
N ASN A 384 13.62 -11.03 7.45
CA ASN A 384 13.38 -12.42 7.09
C ASN A 384 12.23 -13.01 7.90
N THR A 385 11.11 -12.30 7.96
CA THR A 385 9.98 -12.78 8.74
C THR A 385 8.73 -13.04 7.89
N GLU A 386 8.89 -13.11 6.57
CA GLU A 386 7.70 -13.28 5.72
C GLU A 386 6.97 -14.60 6.03
N ASP A 387 7.72 -15.64 6.40
CA ASP A 387 7.10 -16.94 6.80
C ASP A 387 6.92 -17.08 8.31
N LYS A 388 7.14 -16.01 9.07
CA LYS A 388 7.06 -16.09 10.52
C LYS A 388 5.86 -15.32 11.06
N VAL A 389 5.03 -14.79 10.15
CA VAL A 389 3.75 -14.14 10.53
C VAL A 389 2.66 -14.85 9.76
N SER A 390 1.39 -14.61 10.09
CA SER A 390 0.30 -15.35 9.47
C SER A 390 0.09 -15.02 8.00
N HIS A 391 0.19 -13.74 7.65
CA HIS A 391 -0.06 -13.23 6.29
C HIS A 391 0.67 -11.94 6.07
N VAL A 392 1.35 -11.85 4.93
CA VAL A 392 1.94 -10.61 4.48
C VAL A 392 1.18 -10.17 3.23
N SER A 393 0.51 -9.04 3.34
CA SER A 393 -0.28 -8.50 2.27
C SER A 393 0.47 -7.48 1.45
N THR A 394 0.15 -7.49 0.16
CA THR A 394 0.64 -6.47 -0.77
C THR A 394 -0.12 -5.13 -0.61
N GLY A 395 -1.21 -5.09 0.18
CA GLY A 395 -1.97 -3.92 0.40
C GLY A 395 -1.73 -3.35 1.80
N GLY A 396 -1.57 -2.04 1.88
CA GLY A 396 -1.46 -1.35 3.15
C GLY A 396 -2.75 -0.62 3.43
N GLY A 397 -2.87 0.59 2.91
CA GLY A 397 -4.12 1.37 2.94
C GLY A 397 -5.31 0.55 2.41
N ALA A 398 -5.10 -0.23 1.32
CA ALA A 398 -6.14 -1.11 0.79
C ALA A 398 -6.66 -2.10 1.83
N SER A 399 -5.76 -2.71 2.57
CA SER A 399 -6.11 -3.58 3.67
C SER A 399 -6.84 -2.89 4.80
N LEU A 400 -6.39 -1.68 5.16
CA LEU A 400 -7.04 -0.95 6.23
C LEU A 400 -8.48 -0.59 5.83
N GLU A 401 -8.69 -0.30 4.55
CA GLU A 401 -10.05 -0.03 4.04
C GLU A 401 -10.96 -1.30 4.12
N LEU A 402 -10.40 -2.48 3.89
CA LEU A 402 -11.17 -3.72 4.12
C LEU A 402 -11.45 -3.88 5.62
N LEU A 403 -10.47 -3.57 6.45
CA LEU A 403 -10.68 -3.57 7.90
C LEU A 403 -11.86 -2.64 8.32
N GLU A 404 -11.98 -1.48 7.69
CA GLU A 404 -13.12 -0.55 7.94
C GLU A 404 -14.49 -1.14 7.53
N GLY A 405 -14.46 -2.13 6.65
CA GLY A 405 -15.67 -2.78 6.17
C GLY A 405 -16.14 -2.30 4.80
N LYS A 406 -15.25 -1.66 4.06
CA LYS A 406 -15.58 -1.03 2.80
C LYS A 406 -15.37 -2.00 1.65
N VAL A 407 -16.16 -1.80 0.58
CA VAL A 407 -15.87 -2.37 -0.72
C VAL A 407 -14.86 -1.47 -1.42
N LEU A 408 -13.84 -2.07 -2.01
CA LEU A 408 -12.77 -1.28 -2.60
C LEU A 408 -13.21 -0.85 -4.01
N PRO A 409 -12.96 0.41 -4.38
CA PRO A 409 -13.39 0.83 -5.73
C PRO A 409 -12.86 -0.01 -6.88
N GLY A 410 -11.62 -0.47 -6.79
CA GLY A 410 -11.05 -1.31 -7.83
C GLY A 410 -11.76 -2.64 -8.05
N VAL A 411 -12.37 -3.16 -6.99
CA VAL A 411 -13.15 -4.37 -7.02
C VAL A 411 -14.55 -4.03 -7.51
N ASP A 412 -15.14 -2.96 -6.97
CA ASP A 412 -16.52 -2.55 -7.35
C ASP A 412 -16.68 -2.32 -8.86
N ALA A 413 -15.67 -1.72 -9.47
CA ALA A 413 -15.59 -1.45 -10.92
C ALA A 413 -15.51 -2.67 -11.84
N LEU A 414 -15.23 -3.84 -11.29
CA LEU A 414 -15.13 -5.07 -12.10
C LEU A 414 -16.50 -5.48 -12.66
N SER A 415 -16.51 -6.24 -13.76
CA SER A 415 -17.77 -6.73 -14.33
C SER A 415 -18.47 -7.70 -13.36
N ASN A 416 -19.79 -7.53 -13.22
CA ASN A 416 -20.61 -8.51 -12.48
C ASN A 416 -20.79 -9.77 -13.29
N ILE A 417 -21.02 -10.91 -12.63
CA ILE A 417 -21.09 -12.19 -13.35
C ILE A 417 -22.48 -12.33 -14.01
MG MG B . 3.98 2.70 1.74
CL CL C . -1.08 10.69 2.82
PB ADP D . 3.02 1.13 3.63
O1B ADP D . 1.48 1.23 3.55
O2B ADP D . 3.25 -0.04 4.47
O3B ADP D . 3.79 1.03 2.39
PA ADP D . 3.37 3.84 4.40
O1A ADP D . 2.13 4.43 5.05
O2A ADP D . 3.68 4.14 2.95
O3A ADP D . 3.37 2.30 4.69
O5' ADP D . 4.60 4.34 5.34
C5' ADP D . 5.88 3.82 5.06
C4' ADP D . 6.93 4.83 5.48
O4' ADP D . 6.68 5.37 6.74
C3' ADP D . 8.31 4.17 5.60
O3' ADP D . 8.95 4.49 4.37
C2' ADP D . 8.96 4.83 6.80
O2' ADP D . 10.25 5.37 6.46
C1' ADP D . 7.95 5.91 7.14
N9 ADP D . 7.95 6.32 8.55
C8 ADP D . 7.70 5.56 9.63
N7 ADP D . 7.81 6.28 10.76
C5 ADP D . 8.08 7.55 10.36
C6 ADP D . 8.34 8.84 11.02
N6 ADP D . 8.29 8.90 12.37
N1 ADP D . 8.55 9.92 10.25
C2 ADP D . 8.63 9.85 8.89
N3 ADP D . 8.41 8.72 8.21
C4 ADP D . 8.18 7.57 8.90
C1 3PG E . 0.51 1.80 -1.73
O1 3PG E . 1.79 1.73 -1.79
O2 3PG E . -0.12 2.01 -0.65
C2 3PG E . -0.30 1.69 -3.00
O3 3PG E . 0.48 1.42 -4.18
C3 3PG E . -1.11 2.95 -3.20
O1P 3PG E . -0.29 4.08 -3.34
P 3PG E . -0.86 5.54 -2.97
O2P 3PG E . 0.25 6.47 -3.42
O3P 3PG E . -2.16 5.74 -3.75
O4P 3PG E . -1.11 5.58 -1.49
BE BEF F . 0.72 1.78 0.85
F1 BEF F . 2.07 2.91 1.01
F2 BEF F . -0.60 2.11 1.99
F3 BEF F . 1.14 0.08 0.77
#